data_5F9K
#
_entry.id   5F9K
#
_cell.length_a   71.633
_cell.length_b   72.458
_cell.length_c   75.158
_cell.angle_alpha   90.00
_cell.angle_beta   90.00
_cell.angle_gamma   90.00
#
_symmetry.space_group_name_H-M   'P 21 21 21'
#
loop_
_entity.id
_entity.type
_entity.pdbx_description
1 polymer "Deoxyuridine 5'-triphosphate nucleotidohydrolase"
2 non-polymer "2'-DEOXYURIDINE 5'-ALPHA,BETA-IMIDO-TRIPHOSPHATE"
3 non-polymer 'MAGNESIUM ION'
4 non-polymer 'SULFATE ION'
5 water water
#
_entity_poly.entity_id   1
_entity_poly.type   'polypeptide(L)'
_entity_poly.pdbx_seq_one_letter_code
;GSHMFKVKKLSDKAIIPQRGSKGAAGYDLSSAHELVVPAHGKALAMTDLQIAIPDGTYGRIAPRSGLAWKNFIDCGAGVI
DSDYRGNVGVVLFNHSDVDFKVAVGDRVAQLIFERIVTPEPLEVDEIDETQRGAGGFGSTGVKVQN
;
_entity_poly.pdbx_strand_id   A,B,C
#
loop_
_chem_comp.id
_chem_comp.type
_chem_comp.name
_chem_comp.formula
DUP non-polymer '2'-DEOXYURIDINE 5'-ALPHA,BETA-IMIDO-TRIPHOSPHATE' 'C9 H16 N3 O13 P3'
MG non-polymer 'MAGNESIUM ION' 'Mg 2'
SO4 non-polymer 'SULFATE ION' 'O4 S -2'
#
# COMPACT_ATOMS: atom_id res chain seq x y z
N GLY A 1 -9.56 0.97 -24.57
CA GLY A 1 -9.44 -0.44 -24.81
C GLY A 1 -9.15 -1.15 -23.52
N SER A 2 -9.74 -2.30 -23.32
CA SER A 2 -9.55 -3.02 -22.07
C SER A 2 -8.13 -3.52 -21.80
N HIS A 3 -7.44 -4.04 -22.81
CA HIS A 3 -6.17 -4.73 -22.52
C HIS A 3 -4.95 -3.94 -22.89
N MET A 4 -5.12 -2.63 -23.11
CA MET A 4 -3.96 -1.77 -23.21
C MET A 4 -4.27 -0.48 -22.48
N PHE A 5 -3.25 0.21 -22.00
CA PHE A 5 -3.49 1.52 -21.40
C PHE A 5 -2.64 2.57 -22.11
N LYS A 6 -3.25 3.70 -22.45
CA LYS A 6 -2.52 4.71 -23.17
C LYS A 6 -1.58 5.47 -22.26
N VAL A 7 -0.40 5.79 -22.82
CA VAL A 7 0.66 6.59 -22.20
C VAL A 7 1.17 7.61 -23.21
N LYS A 8 1.25 8.86 -22.78
CA LYS A 8 1.76 9.99 -23.56
C LYS A 8 2.91 10.67 -22.86
N LYS A 9 4.04 10.83 -23.58
CA LYS A 9 5.19 11.53 -23.05
C LYS A 9 5.02 13.04 -23.01
N LEU A 10 5.37 13.64 -21.87
CA LEU A 10 5.30 15.08 -21.72
C LEU A 10 6.69 15.72 -21.95
N SER A 11 7.72 14.89 -22.08
CA SER A 11 9.06 15.37 -22.45
C SER A 11 9.84 14.26 -23.16
N ASP A 12 11.01 14.62 -23.68
CA ASP A 12 11.86 13.64 -24.34
C ASP A 12 12.48 12.73 -23.31
N LYS A 13 12.49 13.18 -22.06
CA LYS A 13 13.16 12.46 -21.01
C LYS A 13 12.27 11.32 -20.45
N ALA A 14 10.97 11.37 -20.75
CA ALA A 14 10.01 10.39 -20.24
C ALA A 14 10.26 8.99 -20.80
N ILE A 15 10.06 8.00 -19.95
CA ILE A 15 10.21 6.60 -20.36
C ILE A 15 8.88 5.89 -20.20
N ILE A 16 8.47 5.17 -21.26
CA ILE A 16 7.23 4.44 -21.23
C ILE A 16 7.31 3.34 -20.17
N PRO A 17 6.39 3.36 -19.20
CA PRO A 17 6.54 2.37 -18.12
C PRO A 17 6.42 0.96 -18.70
N GLN A 18 7.28 0.04 -18.26
CA GLN A 18 7.17 -1.35 -18.72
C GLN A 18 7.44 -2.35 -17.61
N ARG A 19 6.82 -3.52 -17.74
CA ARG A 19 6.97 -4.61 -16.79
C ARG A 19 8.33 -5.25 -16.89
N GLY A 20 8.98 -5.45 -15.75
CA GLY A 20 10.27 -6.12 -15.69
C GLY A 20 10.33 -7.61 -16.04
N SER A 21 9.23 -8.32 -15.88
CA SER A 21 9.19 -9.75 -16.15
C SER A 21 7.80 -10.10 -16.58
N LYS A 22 7.66 -11.29 -17.13
CA LYS A 22 6.38 -11.77 -17.63
C LYS A 22 5.33 -11.85 -16.51
N GLY A 23 5.80 -12.10 -15.29
CA GLY A 23 4.92 -12.29 -14.15
C GLY A 23 4.91 -11.10 -13.23
N ALA A 24 5.47 -9.98 -13.69
CA ALA A 24 5.60 -8.78 -12.85
C ALA A 24 4.24 -8.18 -12.49
N ALA A 25 4.14 -7.70 -11.26
CA ALA A 25 2.95 -7.03 -10.79
C ALA A 25 2.82 -5.65 -11.38
N GLY A 26 3.95 -4.97 -11.52
CA GLY A 26 3.99 -3.54 -11.78
C GLY A 26 4.79 -3.06 -12.97
N TYR A 27 4.59 -1.81 -13.36
CA TYR A 27 5.37 -1.23 -14.44
C TYR A 27 6.43 -0.29 -13.85
N ASP A 28 7.70 -0.45 -14.23
CA ASP A 28 8.73 0.41 -13.66
C ASP A 28 8.44 1.87 -13.98
N LEU A 29 8.48 2.72 -12.97
CA LEU A 29 8.39 4.15 -13.19
C LEU A 29 9.77 4.78 -13.01
N SER A 30 10.22 5.52 -14.02
CA SER A 30 11.51 6.24 -13.99
C SER A 30 11.36 7.75 -13.82
N SER A 31 12.28 8.36 -13.11
CA SER A 31 12.28 9.81 -12.99
C SER A 31 12.71 10.44 -14.31
N ALA A 32 12.08 11.55 -14.65
CA ALA A 32 12.48 12.28 -15.84
C ALA A 32 13.34 13.44 -15.42
N HIS A 33 13.71 13.45 -14.15
CA HIS A 33 14.38 14.60 -13.54
C HIS A 33 15.47 14.15 -12.60
N GLU A 34 16.59 14.87 -12.67
CA GLU A 34 17.69 14.78 -11.74
C GLU A 34 17.36 15.51 -10.46
N LEU A 35 17.60 14.82 -9.35
CA LEU A 35 17.30 15.44 -8.08
C LEU A 35 17.93 14.66 -6.96
N VAL A 36 17.84 15.20 -5.76
CA VAL A 36 18.27 14.48 -4.60
C VAL A 36 17.12 14.39 -3.63
N VAL A 37 16.95 13.21 -3.04
CA VAL A 37 16.07 13.02 -1.90
C VAL A 37 16.88 13.13 -0.61
N PRO A 38 16.70 14.25 0.11
CA PRO A 38 17.46 14.53 1.33
C PRO A 38 17.27 13.46 2.38
N ALA A 39 18.34 13.13 3.10
CA ALA A 39 18.22 12.29 4.30
C ALA A 39 17.13 12.82 5.20
N HIS A 40 16.31 11.93 5.77
CA HIS A 40 15.16 12.29 6.61
C HIS A 40 14.24 13.28 5.91
N GLY A 41 14.22 13.21 4.59
CA GLY A 41 13.46 14.15 3.79
C GLY A 41 12.66 13.51 2.66
N LYS A 42 12.08 14.36 1.82
CA LYS A 42 11.19 13.88 0.80
C LYS A 42 11.39 14.68 -0.48
N ALA A 43 11.09 14.08 -1.62
CA ALA A 43 11.20 14.81 -2.88
C ALA A 43 10.16 14.35 -3.91
N LEU A 44 9.88 15.20 -4.90
CA LEU A 44 8.99 14.84 -6.01
C LEU A 44 9.75 14.46 -7.27
N ALA A 45 9.65 13.21 -7.67
CA ALA A 45 10.25 12.78 -8.92
C ALA A 45 9.17 12.69 -9.97
N MET A 46 9.09 13.69 -10.84
CA MET A 46 8.10 13.68 -11.90
C MET A 46 8.49 12.73 -13.01
N THR A 47 7.53 11.94 -13.50
CA THR A 47 7.82 10.96 -14.55
C THR A 47 7.70 11.56 -15.94
N ASP A 48 7.10 12.75 -16.02
CA ASP A 48 6.75 13.37 -17.30
C ASP A 48 5.83 12.51 -18.15
N LEU A 49 4.87 11.86 -17.51
CA LEU A 49 3.92 11.04 -18.24
C LEU A 49 2.49 11.40 -17.93
N GLN A 50 1.64 11.31 -18.95
CA GLN A 50 0.21 11.19 -18.70
C GLN A 50 -0.10 9.74 -18.94
N ILE A 51 -0.88 9.17 -18.04
CA ILE A 51 -1.23 7.76 -18.09
C ILE A 51 -2.76 7.63 -17.95
N ALA A 52 -3.37 6.83 -18.82
CA ALA A 52 -4.82 6.63 -18.72
C ALA A 52 -5.07 5.40 -17.84
N ILE A 53 -5.69 5.63 -16.69
CA ILE A 53 -5.95 4.57 -15.72
C ILE A 53 -7.05 3.68 -16.25
N PRO A 54 -6.83 2.35 -16.26
CA PRO A 54 -7.84 1.40 -16.75
C PRO A 54 -9.11 1.50 -15.93
N ASP A 55 -10.26 1.29 -16.56
CA ASP A 55 -11.53 1.28 -15.84
C ASP A 55 -11.50 0.25 -14.73
N GLY A 56 -12.11 0.55 -13.60
CA GLY A 56 -12.14 -0.41 -12.52
C GLY A 56 -10.88 -0.57 -11.69
N THR A 57 -9.98 0.42 -11.80
CA THR A 57 -8.71 0.37 -11.12
C THR A 57 -8.14 1.73 -10.79
N TYR A 58 -7.25 1.82 -9.80
CA TYR A 58 -6.51 3.07 -9.64
C TYR A 58 -5.04 2.69 -9.95
N GLY A 59 -4.20 3.68 -10.24
CA GLY A 59 -2.77 3.47 -10.42
C GLY A 59 -2.12 3.66 -9.04
N ARG A 60 -1.48 2.63 -8.52
CA ARG A 60 -0.79 2.74 -7.24
C ARG A 60 0.71 2.93 -7.48
N ILE A 61 1.30 3.98 -6.88
CA ILE A 61 2.75 4.17 -6.93
C ILE A 61 3.37 3.34 -5.83
N ALA A 62 4.01 2.25 -6.20
CA ALA A 62 4.47 1.31 -5.20
C ALA A 62 5.98 1.32 -5.23
N PRO A 63 6.62 1.05 -4.08
CA PRO A 63 8.08 1.11 -3.93
C PRO A 63 8.84 -0.06 -4.58
N ARG A 64 10.02 0.24 -5.10
CA ARG A 64 10.93 -0.79 -5.55
C ARG A 64 11.49 -1.43 -4.28
N SER A 65 11.70 -2.74 -4.29
CA SER A 65 12.15 -3.36 -3.05
C SER A 65 13.65 -3.09 -2.75
N GLY A 66 14.49 -3.05 -3.79
CA GLY A 66 15.92 -2.76 -3.65
C GLY A 66 16.16 -1.44 -2.96
N LEU A 67 15.55 -0.38 -3.47
CA LEU A 67 15.71 0.96 -2.87
C LEU A 67 15.24 1.03 -1.43
N ALA A 68 14.18 0.28 -1.12
CA ALA A 68 13.63 0.23 0.22
C ALA A 68 14.65 -0.38 1.17
N TRP A 69 15.21 -1.50 0.78
CA TRP A 69 16.10 -2.23 1.68
C TRP A 69 17.48 -1.62 1.73
N LYS A 70 18.03 -1.31 0.58
CA LYS A 70 19.35 -0.72 0.55
C LYS A 70 19.40 0.74 0.93
N ASN A 71 18.46 1.51 0.43
CA ASN A 71 18.47 2.93 0.68
C ASN A 71 17.43 3.51 1.60
N PHE A 72 16.62 2.67 2.20
CA PHE A 72 15.59 3.13 3.12
C PHE A 72 14.67 4.11 2.40
N ILE A 73 14.37 3.82 1.13
CA ILE A 73 13.51 4.67 0.30
C ILE A 73 12.07 4.12 0.32
N ASP A 74 11.10 5.02 0.39
CA ASP A 74 9.70 4.58 0.31
C ASP A 74 8.87 5.50 -0.59
N CYS A 75 7.66 5.07 -0.99
CA CYS A 75 6.77 5.98 -1.71
C CYS A 75 5.63 6.49 -0.82
N GLY A 76 5.49 7.81 -0.73
CA GLY A 76 4.38 8.40 0.00
C GLY A 76 3.25 8.60 -0.99
N ALA A 77 2.12 9.10 -0.52
CA ALA A 77 0.99 9.34 -1.41
C ALA A 77 0.77 8.10 -2.29
N GLY A 78 0.82 8.22 -3.59
CA GLY A 78 0.73 7.04 -4.42
C GLY A 78 -0.57 6.64 -5.03
N VAL A 79 -1.61 7.37 -4.75
CA VAL A 79 -2.91 7.07 -5.35
C VAL A 79 -3.17 7.93 -6.55
N ILE A 80 -3.14 7.33 -7.72
CA ILE A 80 -3.44 8.04 -8.95
C ILE A 80 -4.86 7.69 -9.45
N ASP A 81 -5.81 8.59 -9.16
CA ASP A 81 -7.23 8.42 -9.47
C ASP A 81 -7.43 8.37 -10.99
N SER A 82 -8.52 7.74 -11.42
CA SER A 82 -8.86 7.62 -12.86
C SER A 82 -9.05 8.97 -13.52
N ASP A 83 -9.34 9.97 -12.71
CA ASP A 83 -9.47 11.33 -13.21
C ASP A 83 -8.30 12.26 -12.74
N TYR A 84 -7.14 11.68 -12.41
CA TYR A 84 -5.94 12.46 -12.07
C TYR A 84 -5.54 13.18 -13.33
N ARG A 85 -5.11 14.44 -13.18
CA ARG A 85 -4.71 15.29 -14.31
C ARG A 85 -3.20 15.48 -14.49
N GLY A 86 -2.71 15.35 -15.70
CA GLY A 86 -1.31 15.71 -15.89
C GLY A 86 -0.17 14.80 -15.49
N ASN A 87 0.97 15.44 -15.24
CA ASN A 87 2.20 14.73 -14.97
C ASN A 87 2.07 13.88 -13.71
N VAL A 88 2.44 12.61 -13.85
CA VAL A 88 2.39 11.63 -12.77
C VAL A 88 3.66 11.72 -11.98
N GLY A 89 3.50 12.04 -10.70
CA GLY A 89 4.63 12.27 -9.83
C GLY A 89 4.78 11.19 -8.78
N VAL A 90 6.05 10.84 -8.52
CA VAL A 90 6.38 9.88 -7.49
C VAL A 90 6.89 10.66 -6.28
N VAL A 91 6.20 10.54 -5.15
CA VAL A 91 6.64 11.16 -3.91
C VAL A 91 7.59 10.22 -3.16
N LEU A 92 8.89 10.59 -3.08
CA LEU A 92 9.86 9.73 -2.46
C LEU A 92 10.14 10.15 -1.01
N PHE A 93 10.32 9.16 -0.17
CA PHE A 93 10.62 9.36 1.22
C PHE A 93 11.94 8.70 1.46
N ASN A 94 12.84 9.40 2.09
CA ASN A 94 14.16 8.85 2.44
C ASN A 94 14.33 8.88 3.96
N HIS A 95 14.24 7.73 4.61
CA HIS A 95 14.31 7.66 6.08
C HIS A 95 15.75 7.40 6.58
N SER A 96 16.72 7.42 5.67
CA SER A 96 18.12 7.15 6.02
C SER A 96 18.83 8.45 6.39
N ASP A 97 20.07 8.36 6.85
CA ASP A 97 20.89 9.54 7.16
C ASP A 97 21.76 9.88 5.96
N VAL A 98 21.41 9.38 4.80
CA VAL A 98 22.17 9.56 3.58
C VAL A 98 21.35 10.03 2.37
N ASP A 99 21.76 11.10 1.70
CA ASP A 99 21.00 11.60 0.56
C ASP A 99 20.88 10.53 -0.51
N PHE A 100 19.76 10.55 -1.23
CA PHE A 100 19.58 9.59 -2.31
C PHE A 100 19.54 10.32 -3.65
N LYS A 101 20.56 10.10 -4.49
CA LYS A 101 20.61 10.82 -5.75
C LYS A 101 19.68 10.16 -6.76
N VAL A 102 18.97 10.98 -7.52
CA VAL A 102 18.14 10.41 -8.56
C VAL A 102 18.55 11.05 -9.88
N ALA A 103 19.00 10.20 -10.80
CA ALA A 103 19.36 10.68 -12.11
C ALA A 103 18.21 10.49 -13.08
N VAL A 104 18.19 11.33 -14.10
CA VAL A 104 17.26 11.17 -15.19
C VAL A 104 17.34 9.73 -15.69
N GLY A 105 16.20 9.04 -15.69
CA GLY A 105 16.17 7.69 -16.19
C GLY A 105 16.22 6.62 -15.13
N ASP A 106 16.49 6.99 -13.88
CA ASP A 106 16.48 6.02 -12.79
C ASP A 106 15.06 5.52 -12.49
N ARG A 107 14.92 4.20 -12.35
CA ARG A 107 13.68 3.60 -11.85
C ARG A 107 13.49 3.97 -10.38
N VAL A 108 12.40 4.66 -10.06
CA VAL A 108 12.19 5.12 -8.67
C VAL A 108 10.95 4.53 -7.99
N ALA A 109 10.14 3.80 -8.74
CA ALA A 109 8.94 3.17 -8.20
C ALA A 109 8.39 2.18 -9.20
N GLN A 110 7.27 1.55 -8.87
CA GLN A 110 6.53 0.74 -9.84
C GLN A 110 5.05 1.05 -9.76
N LEU A 111 4.44 1.14 -10.92
CA LEU A 111 3.06 1.46 -11.07
C LEU A 111 2.25 0.15 -11.08
N ILE A 112 1.26 0.07 -10.21
CA ILE A 112 0.42 -1.13 -10.18
C ILE A 112 -1.03 -0.73 -10.40
N PHE A 113 -1.69 -1.35 -11.36
CA PHE A 113 -3.12 -1.12 -11.57
C PHE A 113 -3.99 -2.00 -10.64
N GLU A 114 -4.31 -1.43 -9.49
CA GLU A 114 -5.09 -2.10 -8.46
C GLU A 114 -6.56 -2.15 -8.83
N ARG A 115 -7.15 -3.32 -8.86
CA ARG A 115 -8.56 -3.43 -9.14
C ARG A 115 -9.30 -3.01 -7.88
N ILE A 116 -10.30 -2.18 -8.04
CA ILE A 116 -11.07 -1.68 -6.91
C ILE A 116 -12.55 -1.63 -7.28
N VAL A 117 -13.40 -1.33 -6.31
CA VAL A 117 -14.81 -1.09 -6.61
C VAL A 117 -15.17 0.24 -5.99
N THR A 118 -16.16 0.90 -6.57
CA THR A 118 -16.57 2.20 -6.08
C THR A 118 -18.07 2.34 -5.85
N PRO A 119 -18.63 1.60 -4.88
CA PRO A 119 -20.08 1.70 -4.59
C PRO A 119 -20.52 3.05 -3.98
N GLU A 120 -21.81 3.37 -4.06
CA GLU A 120 -22.31 4.56 -3.36
C GLU A 120 -22.62 4.20 -1.92
N PRO A 121 -22.03 4.97 -0.98
CA PRO A 121 -22.13 4.65 0.44
C PRO A 121 -23.57 4.75 0.88
N LEU A 122 -24.03 3.80 1.66
CA LEU A 122 -25.37 3.88 2.18
C LEU A 122 -25.25 4.08 3.69
N GLU A 123 -25.70 5.23 4.16
CA GLU A 123 -25.72 5.46 5.60
C GLU A 123 -26.88 4.66 6.20
N VAL A 124 -26.58 3.91 7.27
CA VAL A 124 -27.57 3.08 7.98
C VAL A 124 -27.57 3.29 9.53
N ASP A 125 -28.59 2.75 10.20
CA ASP A 125 -28.68 2.71 11.67
C ASP A 125 -28.00 1.52 12.28
N GLU A 126 -28.04 0.40 11.57
CA GLU A 126 -27.49 -0.84 12.07
C GLU A 126 -26.81 -1.69 11.00
N ILE A 127 -25.65 -2.26 11.32
CA ILE A 127 -24.98 -3.26 10.50
C ILE A 127 -25.03 -4.69 11.06
N ASP A 128 -25.31 -5.68 10.19
CA ASP A 128 -25.50 -7.06 10.64
C ASP A 128 -24.43 -8.01 10.11
N GLY B 1 -23.83 -12.15 -1.49
CA GLY B 1 -23.69 -11.61 -0.15
C GLY B 1 -24.07 -10.15 -0.20
N SER B 2 -23.07 -9.28 -0.36
CA SER B 2 -23.38 -7.86 -0.44
C SER B 2 -22.36 -7.08 -1.25
N HIS B 3 -22.72 -6.62 -2.43
CA HIS B 3 -21.85 -5.68 -3.13
C HIS B 3 -21.90 -4.22 -2.63
N MET B 4 -22.36 -4.00 -1.41
CA MET B 4 -22.60 -2.64 -0.92
C MET B 4 -21.64 -2.15 0.15
N PHE B 5 -21.56 -0.83 0.23
CA PHE B 5 -20.75 -0.18 1.25
C PHE B 5 -21.76 0.48 2.17
N LYS B 6 -21.92 -0.07 3.38
CA LYS B 6 -22.84 0.51 4.36
C LYS B 6 -22.05 1.22 5.46
N VAL B 7 -22.63 2.31 5.97
CA VAL B 7 -21.93 3.18 6.92
C VAL B 7 -22.84 3.57 8.09
N LYS B 8 -22.40 3.32 9.32
CA LYS B 8 -23.14 3.72 10.52
C LYS B 8 -22.34 4.77 11.30
N LYS B 9 -22.90 5.96 11.47
CA LYS B 9 -22.25 6.97 12.31
C LYS B 9 -22.30 6.53 13.77
N LEU B 10 -21.18 6.69 14.45
CA LEU B 10 -21.05 6.34 15.86
C LEU B 10 -21.17 7.57 16.78
N SER B 11 -21.15 8.75 16.18
CA SER B 11 -21.40 9.99 16.89
C SER B 11 -21.94 10.99 15.90
N ASP B 12 -22.38 12.14 16.40
CA ASP B 12 -22.84 13.21 15.54
C ASP B 12 -21.65 13.84 14.78
N LYS B 13 -20.42 13.63 15.27
CA LYS B 13 -19.23 14.28 14.68
C LYS B 13 -18.74 13.53 13.45
N ALA B 14 -19.21 12.30 13.27
CA ALA B 14 -18.81 11.48 12.13
C ALA B 14 -19.30 12.07 10.82
N ILE B 15 -18.51 11.92 9.77
CA ILE B 15 -18.90 12.30 8.41
C ILE B 15 -18.88 11.08 7.49
N ILE B 16 -19.96 10.89 6.74
CA ILE B 16 -20.06 9.78 5.79
C ILE B 16 -19.02 9.93 4.69
N PRO B 17 -18.16 8.91 4.50
CA PRO B 17 -17.10 9.06 3.48
C PRO B 17 -17.65 9.19 2.08
N GLN B 18 -17.15 10.13 1.29
CA GLN B 18 -17.64 10.27 -0.07
C GLN B 18 -16.43 10.50 -0.98
N ARG B 19 -16.56 10.09 -2.24
CA ARG B 19 -15.48 10.32 -3.19
C ARG B 19 -15.40 11.79 -3.56
N GLY B 20 -14.18 12.31 -3.61
CA GLY B 20 -13.99 13.70 -3.94
C GLY B 20 -14.45 14.03 -5.36
N SER B 21 -14.47 13.05 -6.24
CA SER B 21 -14.91 13.32 -7.61
C SER B 21 -15.41 12.04 -8.25
N LYS B 22 -16.02 12.19 -9.41
CA LYS B 22 -16.63 11.08 -10.12
C LYS B 22 -15.61 10.02 -10.46
N GLY B 23 -14.37 10.41 -10.69
CA GLY B 23 -13.35 9.46 -11.08
C GLY B 23 -12.40 9.05 -9.96
N ALA B 24 -12.69 9.52 -8.75
CA ALA B 24 -11.84 9.27 -7.60
C ALA B 24 -11.83 7.80 -7.17
N ALA B 25 -10.66 7.35 -6.73
CA ALA B 25 -10.44 6.00 -6.23
C ALA B 25 -10.93 5.85 -4.78
N GLY B 26 -10.78 6.90 -4.00
CA GLY B 26 -10.96 6.78 -2.58
C GLY B 26 -12.09 7.62 -2.03
N TYR B 27 -12.53 7.25 -0.83
CA TYR B 27 -13.57 7.96 -0.12
C TYR B 27 -12.93 8.76 0.97
N ASP B 28 -13.17 10.07 1.01
CA ASP B 28 -12.52 10.92 2.02
C ASP B 28 -12.88 10.44 3.40
N LEU B 29 -11.87 10.24 4.24
CA LEU B 29 -12.10 9.92 5.65
C LEU B 29 -11.75 11.14 6.49
N SER B 30 -12.70 11.58 7.32
CA SER B 30 -12.46 12.77 8.14
C SER B 30 -12.34 12.35 9.59
N SER B 31 -11.46 13.03 10.29
CA SER B 31 -11.32 12.81 11.72
C SER B 31 -12.55 13.32 12.46
N ALA B 32 -12.98 12.58 13.47
CA ALA B 32 -14.10 12.95 14.33
C ALA B 32 -13.61 13.48 15.67
N HIS B 33 -12.29 13.70 15.77
CA HIS B 33 -11.68 14.09 17.01
C HIS B 33 -10.57 15.11 16.80
N GLU B 34 -10.44 16.03 17.76
CA GLU B 34 -9.33 16.97 17.82
C GLU B 34 -8.08 16.24 18.29
N LEU B 35 -6.94 16.44 17.60
CA LEU B 35 -5.69 15.85 18.06
C LEU B 35 -4.43 16.48 17.43
N VAL B 36 -3.26 16.09 17.92
CA VAL B 36 -2.06 16.49 17.20
C VAL B 36 -1.18 15.29 16.93
N VAL B 37 -0.69 15.20 15.71
CA VAL B 37 0.32 14.21 15.41
C VAL B 37 1.69 14.87 15.64
N PRO B 38 2.37 14.42 16.70
CA PRO B 38 3.65 14.98 17.12
C PRO B 38 4.68 14.90 16.00
N ALA B 39 5.49 15.94 15.86
CA ALA B 39 6.62 15.91 14.97
C ALA B 39 7.38 14.60 15.19
N HIS B 40 7.78 13.95 14.11
CA HIS B 40 8.44 12.66 14.15
C HIS B 40 7.66 11.59 14.90
N GLY B 41 6.35 11.71 14.95
CA GLY B 41 5.50 10.81 15.71
C GLY B 41 4.20 10.38 15.03
N LYS B 42 3.35 9.72 15.81
CA LYS B 42 2.15 9.11 15.28
C LYS B 42 0.93 9.38 16.17
N ALA B 43 -0.26 9.39 15.59
CA ALA B 43 -1.51 9.53 16.35
C ALA B 43 -2.67 8.71 15.74
N LEU B 44 -3.67 8.38 16.55
CA LEU B 44 -4.89 7.72 16.05
C LEU B 44 -5.99 8.74 15.81
N ALA B 45 -6.43 8.85 14.56
CA ALA B 45 -7.56 9.72 14.26
C ALA B 45 -8.83 8.89 13.98
N MET B 46 -9.67 8.71 15.01
CA MET B 46 -10.86 7.88 14.87
C MET B 46 -11.90 8.59 14.01
N THR B 47 -12.55 7.81 13.15
CA THR B 47 -13.53 8.37 12.23
C THR B 47 -14.93 8.41 12.81
N ASP B 48 -15.11 7.72 13.93
CA ASP B 48 -16.42 7.47 14.50
C ASP B 48 -17.36 6.88 13.49
N LEU B 49 -16.85 5.95 12.70
CA LEU B 49 -17.65 5.23 11.71
C LEU B 49 -17.54 3.73 11.91
N GLN B 50 -18.68 3.06 11.83
CA GLN B 50 -18.65 1.62 11.66
C GLN B 50 -19.11 1.35 10.23
N ILE B 51 -18.39 0.45 9.56
CA ILE B 51 -18.66 0.17 8.15
C ILE B 51 -18.82 -1.33 7.87
N ALA B 52 -19.61 -1.62 6.86
CA ALA B 52 -19.70 -2.93 6.20
C ALA B 52 -19.24 -2.75 4.75
N ILE B 53 -18.35 -3.61 4.29
CA ILE B 53 -17.73 -3.44 2.98
C ILE B 53 -18.15 -4.48 1.94
N PRO B 54 -17.99 -4.14 0.64
CA PRO B 54 -18.40 -5.13 -0.38
C PRO B 54 -17.61 -6.43 -0.25
N ASP B 55 -18.25 -7.54 -0.59
CA ASP B 55 -17.67 -8.88 -0.64
C ASP B 55 -16.48 -8.90 -1.60
N GLY B 56 -15.42 -9.67 -1.33
CA GLY B 56 -14.27 -9.70 -2.23
C GLY B 56 -13.36 -8.49 -2.09
N THR B 57 -13.52 -7.71 -1.02
CA THR B 57 -12.66 -6.54 -0.82
C THR B 57 -12.19 -6.41 0.64
N TYR B 58 -11.18 -5.56 0.83
CA TYR B 58 -10.96 -5.00 2.17
C TYR B 58 -10.90 -3.51 1.98
N GLY B 59 -11.01 -2.76 3.08
CA GLY B 59 -10.88 -1.32 3.05
C GLY B 59 -9.47 -0.89 3.36
N ARG B 60 -8.83 -0.22 2.42
CA ARG B 60 -7.48 0.28 2.67
C ARG B 60 -7.48 1.76 3.01
N ILE B 61 -6.88 2.10 4.14
CA ILE B 61 -6.74 3.47 4.52
C ILE B 61 -5.55 4.01 3.78
N ALA B 62 -5.81 4.84 2.79
CA ALA B 62 -4.71 5.28 1.94
C ALA B 62 -4.45 6.76 2.17
N PRO B 63 -3.20 7.18 1.96
CA PRO B 63 -2.85 8.60 2.23
C PRO B 63 -3.38 9.59 1.21
N ARG B 64 -3.72 10.78 1.69
CA ARG B 64 -4.02 11.90 0.81
C ARG B 64 -2.72 12.47 0.27
N SER B 65 -2.74 12.89 -0.99
CA SER B 65 -1.53 13.32 -1.67
C SER B 65 -1.01 14.68 -1.19
N GLY B 66 -1.91 15.61 -0.92
CA GLY B 66 -1.52 16.91 -0.39
C GLY B 66 -0.79 16.80 0.92
N LEU B 67 -1.41 16.14 1.89
CA LEU B 67 -0.83 15.97 3.21
C LEU B 67 0.55 15.31 3.11
N ALA B 68 0.69 14.39 2.17
CA ALA B 68 1.93 13.63 1.98
C ALA B 68 3.09 14.52 1.56
N TRP B 69 2.85 15.35 0.55
CA TRP B 69 3.91 16.18 0.02
C TRP B 69 4.11 17.44 0.86
N LYS B 70 3.00 18.01 1.30
CA LYS B 70 3.00 19.25 2.07
C LYS B 70 3.44 19.05 3.52
N ASN B 71 3.00 17.97 4.16
CA ASN B 71 3.16 17.84 5.60
C ASN B 71 3.97 16.63 6.03
N PHE B 72 4.43 15.87 5.04
CA PHE B 72 5.21 14.65 5.28
C PHE B 72 4.35 13.69 6.12
N ILE B 73 3.05 13.63 5.81
CA ILE B 73 2.13 12.73 6.55
C ILE B 73 1.87 11.44 5.77
N ASP B 74 1.88 10.32 6.46
CA ASP B 74 1.57 9.06 5.83
C ASP B 74 0.62 8.30 6.73
N CYS B 75 -0.07 7.31 6.16
CA CYS B 75 -0.96 6.45 6.92
C CYS B 75 -0.28 5.16 7.26
N GLY B 76 -0.26 4.83 8.54
CA GLY B 76 0.26 3.54 8.95
C GLY B 76 -0.84 2.51 8.98
N ALA B 77 -0.47 1.25 9.26
CA ALA B 77 -1.42 0.14 9.33
C ALA B 77 -2.33 0.17 8.09
N GLY B 78 -3.63 0.36 8.28
CA GLY B 78 -4.48 0.66 7.14
C GLY B 78 -5.35 -0.43 6.54
N VAL B 79 -5.29 -1.64 7.09
CA VAL B 79 -6.06 -2.76 6.53
C VAL B 79 -7.38 -2.91 7.29
N ILE B 80 -8.51 -2.56 6.67
CA ILE B 80 -9.80 -2.75 7.30
C ILE B 80 -10.47 -4.02 6.77
N ASP B 81 -10.44 -5.07 7.58
CA ASP B 81 -11.04 -6.38 7.25
C ASP B 81 -12.57 -6.36 7.10
N SER B 82 -13.10 -7.36 6.39
CA SER B 82 -14.54 -7.58 6.16
C SER B 82 -15.36 -7.71 7.42
N ASP B 83 -14.71 -8.20 8.47
CA ASP B 83 -15.43 -8.44 9.71
C ASP B 83 -15.08 -7.42 10.79
N TYR B 84 -14.34 -6.37 10.45
CA TYR B 84 -14.11 -5.30 11.41
C TYR B 84 -15.39 -4.51 11.64
N ARG B 85 -15.92 -4.57 12.86
CA ARG B 85 -17.14 -3.83 13.22
C ARG B 85 -16.93 -2.73 14.26
N GLY B 86 -15.67 -2.35 14.46
CA GLY B 86 -15.34 -1.27 15.38
C GLY B 86 -15.28 0.08 14.73
N ASN B 87 -14.85 1.05 15.52
CA ASN B 87 -14.67 2.41 15.06
C ASN B 87 -13.46 2.45 14.12
N VAL B 88 -13.64 2.93 12.90
CA VAL B 88 -12.54 2.91 11.93
C VAL B 88 -11.52 3.99 12.27
N GLY B 89 -10.28 3.55 12.52
CA GLY B 89 -9.21 4.45 12.92
C GLY B 89 -8.12 4.64 11.89
N VAL B 90 -7.70 5.88 11.74
CA VAL B 90 -6.66 6.24 10.82
C VAL B 90 -5.39 6.36 11.64
N VAL B 91 -4.38 5.60 11.30
CA VAL B 91 -3.13 5.70 12.00
C VAL B 91 -2.27 6.69 11.20
N LEU B 92 -2.02 7.85 11.77
CA LEU B 92 -1.25 8.87 11.07
C LEU B 92 0.22 8.91 11.50
N PHE B 93 1.12 8.96 10.52
CA PHE B 93 2.56 9.05 10.76
C PHE B 93 3.01 10.43 10.35
N ASN B 94 3.77 11.11 11.20
CA ASN B 94 4.29 12.44 10.87
C ASN B 94 5.81 12.42 10.87
N HIS B 95 6.41 12.46 9.67
CA HIS B 95 7.86 12.38 9.54
C HIS B 95 8.51 13.77 9.46
N SER B 96 7.70 14.80 9.69
CA SER B 96 8.21 16.17 9.61
C SER B 96 8.74 16.58 10.98
N ASP B 97 9.36 17.75 11.05
CA ASP B 97 9.91 18.32 12.29
C ASP B 97 8.90 19.21 12.99
N VAL B 98 7.71 19.29 12.43
CA VAL B 98 6.65 20.15 12.97
C VAL B 98 5.39 19.35 13.22
N ASP B 99 4.70 19.69 14.30
CA ASP B 99 3.45 19.02 14.65
C ASP B 99 2.41 19.21 13.56
N PHE B 100 1.50 18.24 13.44
CA PHE B 100 0.42 18.32 12.46
C PHE B 100 -0.93 18.39 13.16
N LYS B 101 -1.62 19.52 13.08
CA LYS B 101 -2.90 19.73 13.80
C LYS B 101 -4.08 19.06 13.10
N VAL B 102 -4.94 18.38 13.86
CA VAL B 102 -6.12 17.78 13.25
C VAL B 102 -7.41 18.21 13.91
N ALA B 103 -8.21 18.95 13.17
CA ALA B 103 -9.50 19.37 13.67
C ALA B 103 -10.57 18.41 13.22
N VAL B 104 -11.64 18.30 14.01
CA VAL B 104 -12.80 17.54 13.61
C VAL B 104 -13.20 18.00 12.21
N GLY B 105 -13.41 17.04 11.32
CA GLY B 105 -13.86 17.35 9.97
C GLY B 105 -12.75 17.42 8.95
N ASP B 106 -11.50 17.41 9.41
CA ASP B 106 -10.35 17.38 8.51
C ASP B 106 -10.27 16.06 7.76
N ARG B 107 -10.14 16.11 6.44
CA ARG B 107 -9.86 14.88 5.70
C ARG B 107 -8.41 14.45 6.01
N VAL B 108 -8.25 13.24 6.57
CA VAL B 108 -6.96 12.76 7.01
C VAL B 108 -6.51 11.53 6.21
N ALA B 109 -7.40 10.97 5.40
CA ALA B 109 -7.07 9.81 4.60
C ALA B 109 -8.15 9.55 3.54
N GLN B 110 -7.99 8.52 2.72
CA GLN B 110 -9.04 8.11 1.79
C GLN B 110 -9.18 6.60 1.83
N LEU B 111 -10.42 6.15 1.88
CA LEU B 111 -10.74 4.73 1.96
C LEU B 111 -10.86 4.16 0.56
N ILE B 112 -10.17 3.06 0.31
CA ILE B 112 -10.20 2.41 -0.98
C ILE B 112 -10.61 0.96 -0.78
N PHE B 113 -11.61 0.53 -1.53
CA PHE B 113 -12.09 -0.86 -1.53
C PHE B 113 -11.29 -1.63 -2.53
N GLU B 114 -10.22 -2.23 -2.03
CA GLU B 114 -9.35 -3.06 -2.84
C GLU B 114 -9.96 -4.41 -3.11
N ARG B 115 -10.08 -4.80 -4.37
CA ARG B 115 -10.50 -6.16 -4.69
C ARG B 115 -9.36 -7.11 -4.39
N ILE B 116 -9.70 -8.23 -3.76
CA ILE B 116 -8.69 -9.21 -3.35
C ILE B 116 -9.27 -10.60 -3.57
N VAL B 117 -8.44 -11.61 -3.37
CA VAL B 117 -8.91 -13.02 -3.36
C VAL B 117 -8.37 -13.65 -2.06
N THR B 118 -9.10 -14.63 -1.50
CA THR B 118 -8.65 -15.28 -0.28
C THR B 118 -8.68 -16.80 -0.34
N PRO B 119 -7.90 -17.42 -1.22
CA PRO B 119 -7.88 -18.87 -1.34
C PRO B 119 -7.36 -19.59 -0.11
N GLU B 120 -7.64 -20.89 -0.07
CA GLU B 120 -7.18 -21.77 1.00
C GLU B 120 -5.67 -22.08 0.70
N PRO B 121 -4.73 -21.76 1.63
CA PRO B 121 -3.30 -22.07 1.34
C PRO B 121 -3.03 -23.58 1.24
N LEU B 122 -2.18 -23.99 0.30
CA LEU B 122 -1.82 -25.39 0.15
C LEU B 122 -0.34 -25.63 0.30
N GLU B 123 0.05 -26.37 1.34
CA GLU B 123 1.45 -26.65 1.53
C GLU B 123 1.87 -27.70 0.52
N VAL B 124 2.91 -27.40 -0.25
CA VAL B 124 3.43 -28.30 -1.27
C VAL B 124 4.95 -28.55 -1.07
N ASP B 125 5.46 -29.56 -1.75
CA ASP B 125 6.90 -29.88 -1.78
C ASP B 125 7.59 -29.17 -2.95
N GLU B 126 6.81 -28.93 -4.01
CA GLU B 126 7.31 -28.50 -5.29
C GLU B 126 6.48 -27.33 -5.82
N ILE B 127 7.12 -26.20 -6.16
CA ILE B 127 6.47 -25.11 -6.91
C ILE B 127 7.05 -25.01 -8.33
N ASP B 128 6.22 -24.68 -9.32
CA ASP B 128 6.66 -24.72 -10.72
C ASP B 128 7.65 -23.62 -11.02
N GLU B 129 8.55 -23.95 -11.95
CA GLU B 129 9.64 -23.07 -12.32
C GLU B 129 9.15 -21.75 -12.91
N THR B 130 9.99 -20.73 -12.83
CA THR B 130 9.70 -19.43 -13.44
C THR B 130 10.89 -18.92 -14.28
N GLY C 1 1.41 -20.58 -11.14
CA GLY C 1 0.13 -21.26 -10.99
C GLY C 1 -1.06 -20.55 -11.61
N SER C 2 -2.26 -21.10 -11.37
CA SER C 2 -3.53 -20.65 -11.96
C SER C 2 -4.35 -19.87 -10.89
N HIS C 3 -5.22 -20.53 -10.11
CA HIS C 3 -6.01 -19.79 -9.11
C HIS C 3 -5.61 -20.17 -7.67
N MET C 4 -4.37 -20.65 -7.50
CA MET C 4 -3.94 -21.17 -6.21
C MET C 4 -2.93 -20.32 -5.45
N PHE C 5 -2.87 -20.56 -4.15
CA PHE C 5 -1.83 -20.02 -3.26
C PHE C 5 -1.10 -21.27 -2.81
N LYS C 6 0.07 -21.51 -3.38
CA LYS C 6 0.89 -22.66 -2.98
C LYS C 6 2.02 -22.18 -2.07
N VAL C 7 2.35 -22.99 -1.07
CA VAL C 7 3.34 -22.59 -0.09
C VAL C 7 4.32 -23.74 0.14
N LYS C 8 5.60 -23.42 -0.01
CA LYS C 8 6.67 -24.40 0.21
C LYS C 8 7.62 -23.94 1.26
N LYS C 9 7.74 -24.71 2.34
CA LYS C 9 8.65 -24.34 3.43
C LYS C 9 10.08 -24.53 2.97
N LEU C 10 10.94 -23.55 3.25
CA LEU C 10 12.36 -23.68 2.91
C LEU C 10 13.21 -24.15 4.08
N SER C 11 12.64 -24.05 5.28
CA SER C 11 13.27 -24.55 6.49
C SER C 11 12.18 -25.02 7.42
N ASP C 12 12.51 -25.83 8.42
CA ASP C 12 11.44 -26.31 9.31
C ASP C 12 10.91 -25.21 10.25
N LYS C 13 11.54 -24.05 10.20
CA LYS C 13 11.15 -22.91 11.02
C LYS C 13 9.98 -22.11 10.41
N ALA C 14 9.69 -22.37 9.14
CA ALA C 14 8.64 -21.67 8.41
C ALA C 14 7.25 -22.06 8.89
N ILE C 15 6.35 -21.09 8.93
CA ILE C 15 4.96 -21.31 9.34
C ILE C 15 4.03 -20.97 8.19
N ILE C 16 3.13 -21.90 7.87
CA ILE C 16 2.19 -21.69 6.77
C ILE C 16 1.27 -20.52 7.08
N PRO C 17 1.25 -19.50 6.20
CA PRO C 17 0.42 -18.34 6.50
C PRO C 17 -1.09 -18.67 6.49
N GLN C 18 -1.80 -18.17 7.50
CA GLN C 18 -3.24 -18.42 7.60
C GLN C 18 -3.99 -17.14 7.94
N ARG C 19 -5.22 -17.03 7.48
CA ARG C 19 -6.02 -15.88 7.83
C ARG C 19 -6.51 -16.08 9.27
N GLY C 20 -6.40 -15.01 10.05
CA GLY C 20 -6.82 -14.95 11.45
C GLY C 20 -8.32 -15.18 11.65
N SER C 21 -9.11 -14.91 10.61
CA SER C 21 -10.53 -15.16 10.63
C SER C 21 -11.06 -15.28 9.21
N LYS C 22 -12.25 -15.81 9.08
CA LYS C 22 -12.88 -16.00 7.80
C LYS C 22 -13.16 -14.73 7.06
N GLY C 23 -13.23 -13.63 7.77
CA GLY C 23 -13.45 -12.35 7.11
C GLY C 23 -12.12 -11.60 6.93
N ALA C 24 -11.01 -12.21 7.31
CA ALA C 24 -9.72 -11.55 7.20
C ALA C 24 -9.34 -11.30 5.75
N ALA C 25 -8.71 -10.15 5.52
CA ALA C 25 -8.14 -9.78 4.23
C ALA C 25 -6.84 -10.50 3.98
N GLY C 26 -6.06 -10.65 5.05
CA GLY C 26 -4.70 -11.12 4.91
C GLY C 26 -4.31 -12.37 5.67
N TYR C 27 -3.20 -12.97 5.23
CA TYR C 27 -2.61 -14.18 5.79
C TYR C 27 -1.48 -13.78 6.72
N ASP C 28 -1.47 -14.25 7.95
CA ASP C 28 -0.38 -13.92 8.88
C ASP C 28 0.95 -14.41 8.36
N LEU C 29 1.94 -13.51 8.30
CA LEU C 29 3.35 -13.87 7.97
C LEU C 29 4.26 -13.83 9.23
N SER C 30 4.95 -14.94 9.49
CA SER C 30 5.79 -15.03 10.66
C SER C 30 7.25 -15.09 10.32
N SER C 31 8.07 -14.44 11.14
CA SER C 31 9.51 -14.48 10.90
C SER C 31 10.04 -15.87 11.19
N ALA C 32 10.93 -16.36 10.32
CA ALA C 32 11.58 -17.64 10.55
C ALA C 32 12.96 -17.41 11.15
N HIS C 33 13.22 -16.18 11.57
CA HIS C 33 14.53 -15.78 12.08
C HIS C 33 14.40 -14.80 13.24
N GLU C 34 15.31 -14.87 14.22
CA GLU C 34 15.36 -13.84 15.27
C GLU C 34 16.19 -12.64 14.80
N LEU C 35 15.71 -11.44 15.09
CA LEU C 35 16.43 -10.24 14.73
C LEU C 35 15.93 -9.04 15.52
N VAL C 36 16.60 -7.92 15.30
CA VAL C 36 16.20 -6.65 15.89
C VAL C 36 16.00 -5.60 14.80
N VAL C 37 14.87 -4.90 14.88
CA VAL C 37 14.64 -3.73 14.05
C VAL C 37 15.05 -2.52 14.86
N PRO C 38 16.22 -1.94 14.54
CA PRO C 38 16.77 -0.81 15.31
C PRO C 38 15.86 0.39 15.28
N ALA C 39 15.81 1.11 16.38
CA ALA C 39 15.16 2.41 16.40
C ALA C 39 15.59 3.27 15.22
N HIS C 40 14.62 3.92 14.58
CA HIS C 40 14.86 4.77 13.41
C HIS C 40 15.60 3.99 12.32
N GLY C 41 15.43 2.66 12.32
CA GLY C 41 16.16 1.78 11.42
C GLY C 41 15.27 0.74 10.73
N LYS C 42 15.90 -0.21 10.07
CA LYS C 42 15.21 -1.19 9.26
C LYS C 42 15.86 -2.56 9.38
N ALA C 43 15.08 -3.62 9.16
CA ALA C 43 15.58 -4.98 9.15
C ALA C 43 14.85 -5.85 8.13
N LEU C 44 15.42 -6.97 7.75
CA LEU C 44 14.81 -7.83 6.80
C LEU C 44 14.49 -9.13 7.49
N ALA C 45 13.22 -9.44 7.59
CA ALA C 45 12.73 -10.63 8.23
C ALA C 45 12.28 -11.66 7.19
N MET C 46 13.11 -12.65 6.96
CA MET C 46 12.73 -13.68 6.00
C MET C 46 11.70 -14.64 6.62
N THR C 47 10.78 -15.11 5.79
CA THR C 47 9.72 -16.04 6.18
C THR C 47 10.11 -17.50 6.01
N ASP C 48 11.17 -17.70 5.23
CA ASP C 48 11.62 -19.02 4.79
C ASP C 48 10.47 -19.73 4.06
N LEU C 49 9.76 -18.96 3.24
CA LEU C 49 8.70 -19.49 2.39
C LEU C 49 9.00 -19.19 0.96
N GLN C 50 8.72 -20.17 0.10
CA GLN C 50 8.63 -19.95 -1.33
C GLN C 50 7.15 -20.12 -1.75
N ILE C 51 6.62 -19.23 -2.58
CA ILE C 51 5.18 -19.26 -2.90
C ILE C 51 4.87 -19.11 -4.38
N ALA C 52 3.75 -19.73 -4.78
CA ALA C 52 3.06 -19.40 -6.03
C ALA C 52 1.70 -18.77 -5.66
N ILE C 53 1.33 -17.68 -6.32
CA ILE C 53 0.12 -16.94 -5.98
C ILE C 53 -0.95 -17.00 -7.09
N PRO C 54 -2.23 -16.73 -6.79
CA PRO C 54 -3.24 -16.84 -7.86
C PRO C 54 -3.04 -15.86 -9.02
N ASP C 55 -3.43 -16.28 -10.22
CA ASP C 55 -3.40 -15.40 -11.41
C ASP C 55 -4.21 -14.13 -11.20
N GLY C 56 -3.79 -13.04 -11.81
CA GLY C 56 -4.54 -11.81 -11.71
C GLY C 56 -4.31 -11.14 -10.37
N THR C 57 -3.20 -11.47 -9.74
CA THR C 57 -2.88 -10.88 -8.44
C THR C 57 -1.39 -10.83 -8.14
N TYR C 58 -1.00 -9.88 -7.29
CA TYR C 58 0.35 -9.89 -6.73
C TYR C 58 0.16 -10.09 -5.23
N GLY C 59 1.21 -10.51 -4.52
CA GLY C 59 1.14 -10.61 -3.07
C GLY C 59 1.68 -9.34 -2.43
N ARG C 60 0.86 -8.68 -1.65
CA ARG C 60 1.30 -7.48 -1.00
C ARG C 60 1.63 -7.68 0.46
N ILE C 61 2.83 -7.34 0.86
CA ILE C 61 3.18 -7.43 2.25
C ILE C 61 2.68 -6.21 3.00
N ALA C 62 1.62 -6.42 3.77
CA ALA C 62 0.96 -5.38 4.51
C ALA C 62 1.25 -5.35 5.97
N PRO C 63 1.12 -4.21 6.60
CA PRO C 63 1.42 -4.12 8.01
C PRO C 63 0.36 -4.51 8.96
N ARG C 64 0.78 -5.15 10.03
CA ARG C 64 -0.12 -5.45 11.12
C ARG C 64 -0.46 -4.15 11.86
N SER C 65 -1.71 -4.02 12.26
CA SER C 65 -2.22 -2.79 12.83
C SER C 65 -1.71 -2.56 14.25
N GLY C 66 -1.60 -3.63 15.02
CA GLY C 66 -1.04 -3.59 16.36
C GLY C 66 0.39 -3.10 16.40
N LEU C 67 1.27 -3.77 15.67
CA LEU C 67 2.68 -3.39 15.62
C LEU C 67 2.83 -1.94 15.15
N ALA C 68 1.95 -1.53 14.25
CA ALA C 68 1.96 -0.17 13.70
C ALA C 68 1.69 0.85 14.77
N TRP C 69 0.64 0.63 15.55
CA TRP C 69 0.20 1.60 16.52
C TRP C 69 1.01 1.56 17.83
N LYS C 70 1.28 0.36 18.35
CA LYS C 70 2.00 0.27 19.62
C LYS C 70 3.50 0.54 19.44
N ASN C 71 4.07 0.10 18.32
CA ASN C 71 5.52 0.10 18.19
C ASN C 71 6.09 0.93 17.05
N PHE C 72 5.21 1.61 16.32
CA PHE C 72 5.62 2.46 15.19
C PHE C 72 6.33 1.62 14.12
N ILE C 73 5.85 0.38 13.94
CA ILE C 73 6.41 -0.54 12.95
C ILE C 73 5.62 -0.42 11.63
N ASP C 74 6.34 -0.44 10.51
CA ASP C 74 5.71 -0.41 9.18
C ASP C 74 6.40 -1.39 8.23
N CYS C 75 5.75 -1.71 7.12
CA CYS C 75 6.39 -2.52 6.08
C CYS C 75 6.85 -1.66 4.92
N GLY C 76 8.11 -1.79 4.56
CA GLY C 76 8.61 -1.13 3.36
C GLY C 76 8.46 -2.12 2.22
N ALA C 77 8.81 -1.69 1.01
CA ALA C 77 8.76 -2.57 -0.15
C ALA C 77 7.37 -3.18 -0.26
N GLY C 78 7.29 -4.51 -0.26
CA GLY C 78 6.05 -5.21 -0.02
C GLY C 78 5.31 -5.78 -1.20
N VAL C 79 5.86 -5.61 -2.38
CA VAL C 79 5.28 -6.11 -3.61
C VAL C 79 5.87 -7.46 -4.01
N ILE C 80 5.11 -8.54 -3.88
CA ILE C 80 5.60 -9.85 -4.29
C ILE C 80 5.02 -10.28 -5.64
N ASP C 81 5.86 -10.22 -6.67
CA ASP C 81 5.45 -10.55 -8.02
C ASP C 81 5.07 -12.02 -8.16
N SER C 82 4.12 -12.29 -9.05
CA SER C 82 3.57 -13.63 -9.24
C SER C 82 4.63 -14.64 -9.71
N ASP C 83 5.73 -14.15 -10.26
CA ASP C 83 6.79 -15.03 -10.74
C ASP C 83 8.05 -15.00 -9.83
N TYR C 84 7.96 -14.39 -8.66
CA TYR C 84 9.02 -14.53 -7.66
C TYR C 84 9.02 -15.92 -7.02
N ARG C 85 10.13 -16.64 -7.20
CA ARG C 85 10.30 -17.96 -6.61
C ARG C 85 11.39 -18.01 -5.53
N GLY C 86 11.79 -16.85 -5.03
CA GLY C 86 12.74 -16.78 -3.93
C GLY C 86 12.08 -16.84 -2.55
N ASN C 87 12.90 -16.66 -1.52
CA ASN C 87 12.48 -16.57 -0.12
C ASN C 87 11.74 -15.24 0.11
N VAL C 88 10.49 -15.32 0.60
CA VAL C 88 9.66 -14.12 0.81
C VAL C 88 10.08 -13.42 2.11
N GLY C 89 10.49 -12.16 2.00
CA GLY C 89 11.01 -11.40 3.13
C GLY C 89 10.18 -10.19 3.47
N VAL C 90 10.05 -9.85 4.75
CA VAL C 90 9.34 -8.64 5.14
C VAL C 90 10.33 -7.55 5.50
N VAL C 91 10.29 -6.45 4.74
CA VAL C 91 11.11 -5.30 5.07
C VAL C 91 10.44 -4.45 6.13
N LEU C 92 11.01 -4.46 7.34
CA LEU C 92 10.42 -3.78 8.48
C LEU C 92 11.06 -2.43 8.69
N PHE C 93 10.20 -1.43 8.92
CA PHE C 93 10.61 -0.07 9.22
C PHE C 93 10.21 0.21 10.66
N ASN C 94 11.14 0.79 11.40
CA ASN C 94 10.91 1.16 12.79
C ASN C 94 11.17 2.66 12.92
N HIS C 95 10.10 3.43 13.06
CA HIS C 95 10.25 4.87 13.14
C HIS C 95 10.26 5.38 14.57
N SER C 96 10.25 4.46 15.53
CA SER C 96 10.22 4.82 16.95
C SER C 96 11.64 5.00 17.49
N ASP C 97 11.72 5.39 18.77
CA ASP C 97 12.99 5.62 19.48
C ASP C 97 13.52 4.37 20.15
N VAL C 98 12.81 3.26 19.96
CA VAL C 98 13.10 2.03 20.68
C VAL C 98 13.27 0.88 19.70
N ASP C 99 14.25 0.02 19.96
CA ASP C 99 14.45 -1.17 19.16
C ASP C 99 13.23 -2.07 19.27
N PHE C 100 12.96 -2.82 18.19
CA PHE C 100 11.86 -3.78 18.19
C PHE C 100 12.39 -5.19 18.01
N LYS C 101 12.22 -6.05 19.02
CA LYS C 101 12.69 -7.43 18.95
C LYS C 101 11.76 -8.30 18.14
N VAL C 102 12.33 -9.16 17.33
CA VAL C 102 11.53 -10.10 16.58
C VAL C 102 12.07 -11.49 16.87
N ALA C 103 11.22 -12.32 17.48
CA ALA C 103 11.54 -13.72 17.74
C ALA C 103 11.09 -14.58 16.56
N VAL C 104 11.78 -15.71 16.37
CA VAL C 104 11.35 -16.74 15.40
C VAL C 104 9.90 -17.07 15.67
N GLY C 105 9.04 -16.98 14.66
CA GLY C 105 7.64 -17.33 14.82
C GLY C 105 6.72 -16.15 15.10
N ASP C 106 7.28 -14.99 15.38
CA ASP C 106 6.48 -13.78 15.60
C ASP C 106 5.81 -13.28 14.31
N ARG C 107 4.52 -12.97 14.38
CA ARG C 107 3.82 -12.34 13.26
C ARG C 107 4.30 -10.90 13.04
N VAL C 108 4.86 -10.65 11.87
CA VAL C 108 5.43 -9.33 11.57
C VAL C 108 4.75 -8.58 10.40
N ALA C 109 3.85 -9.27 9.69
CA ALA C 109 3.14 -8.66 8.58
C ALA C 109 1.97 -9.54 8.18
N GLN C 110 1.23 -9.12 7.17
CA GLN C 110 0.18 -9.96 6.61
C GLN C 110 0.20 -9.89 5.11
N LEU C 111 -0.01 -11.03 4.46
CA LEU C 111 0.01 -11.13 3.02
C LEU C 111 -1.42 -11.00 2.43
N ILE C 112 -1.56 -10.12 1.47
CA ILE C 112 -2.85 -9.87 0.83
C ILE C 112 -2.76 -10.07 -0.69
N PHE C 113 -3.63 -10.91 -1.23
CA PHE C 113 -3.64 -11.13 -2.66
C PHE C 113 -4.46 -10.03 -3.31
N GLU C 114 -3.77 -8.95 -3.64
CA GLU C 114 -4.36 -7.83 -4.31
C GLU C 114 -4.70 -8.17 -5.76
N ARG C 115 -5.96 -7.96 -6.14
CA ARG C 115 -6.35 -8.15 -7.52
C ARG C 115 -5.90 -6.95 -8.32
N ILE C 116 -5.33 -7.25 -9.49
CA ILE C 116 -4.78 -6.26 -10.40
C ILE C 116 -5.05 -6.63 -11.85
N VAL C 117 -4.74 -5.71 -12.75
CA VAL C 117 -4.74 -5.98 -14.17
C VAL C 117 -3.36 -5.61 -14.70
N THR C 118 -2.97 -6.24 -15.80
CA THR C 118 -1.69 -5.93 -16.39
C THR C 118 -1.80 -5.67 -17.88
N PRO C 119 -2.47 -4.59 -18.27
CA PRO C 119 -2.57 -4.36 -19.71
C PRO C 119 -1.22 -3.96 -20.34
N GLU C 120 -1.04 -4.17 -21.64
CA GLU C 120 0.20 -3.71 -22.26
C GLU C 120 0.12 -2.21 -22.52
N PRO C 121 1.26 -1.51 -22.32
CA PRO C 121 1.29 -0.05 -22.54
C PRO C 121 1.19 0.32 -24.02
N LEU C 122 0.37 1.32 -24.35
CA LEU C 122 0.26 1.83 -25.72
C LEU C 122 0.64 3.32 -25.78
N GLU C 123 1.78 3.63 -26.37
CA GLU C 123 2.21 5.03 -26.43
C GLU C 123 1.45 5.79 -27.51
N VAL C 124 0.99 6.97 -27.11
CA VAL C 124 0.29 7.89 -27.97
C VAL C 124 0.80 9.34 -27.86
N ASP C 125 0.40 10.13 -28.85
CA ASP C 125 0.62 11.57 -28.89
C ASP C 125 -0.44 12.29 -28.07
N GLU C 126 -1.65 11.71 -28.04
CA GLU C 126 -2.73 12.29 -27.25
C GLU C 126 -3.64 11.25 -26.62
N ILE C 127 -4.02 11.52 -25.38
CA ILE C 127 -5.04 10.71 -24.78
C ILE C 127 -6.28 11.58 -24.85
N ASP C 128 -7.40 10.98 -25.25
CA ASP C 128 -8.66 11.69 -25.48
C ASP C 128 -8.51 12.71 -26.62
O4 DUP D . 9.02 -6.59 0.69
C4 DUP D . 9.41 -7.33 -0.24
C5 DUP D . 9.48 -6.89 -1.52
C6 DUP D . 9.89 -7.73 -2.52
N3 DUP D . 9.77 -8.58 0.01
C2 DUP D . 10.19 -9.39 -0.98
O2 DUP D . 10.50 -10.51 -0.70
N1 DUP D . 10.26 -8.98 -2.28
C1' DUP D . 10.68 -9.79 -3.22
C2' DUP D . 9.58 -10.22 -4.22
C3' DUP D . 9.74 -9.49 -5.30
O3' DUP D . 9.14 -10.14 -6.45
O4' DUP D . 11.78 -9.14 -4.18
C4' DUP D . 11.37 -9.33 -5.39
C5' DUP D . 11.78 -8.18 -6.28
O5' DUP D . 13.06 -8.44 -6.90
PA DUP D . 13.86 -7.31 -7.71
O1A DUP D . 15.36 -7.56 -7.53
O2A DUP D . 13.51 -7.34 -9.22
N3A DUP D . 13.49 -5.78 -7.08
PB DUP D . 12.62 -4.65 -7.96
O1B DUP D . 11.35 -4.23 -7.11
O2B DUP D . 12.18 -5.18 -9.32
O3B DUP D . 13.67 -3.43 -8.16
PG DUP D . 14.66 -3.10 -7.06
O2G DUP D . 15.38 -1.78 -7.21
O1G DUP D . 13.79 -3.05 -5.86
O3G DUP D . 15.66 -4.20 -6.96
O4 DUP E . 1.61 12.46 -6.01
C4 DUP E . 1.63 13.71 -6.03
C5 DUP E . 1.33 14.40 -4.91
C6 DUP E . 1.37 15.77 -4.94
N3 DUP E . 1.97 14.37 -7.13
C2 DUP E . 2.01 15.73 -7.16
O2 DUP E . 2.34 16.23 -8.20
N1 DUP E . 1.69 16.44 -6.04
C1' DUP E . 1.67 17.74 -5.94
C2' DUP E . 0.92 18.46 -7.06
C3' DUP E . -0.35 18.42 -6.73
O3' DUP E . -1.03 19.57 -7.32
O4' DUP E . 0.79 18.13 -4.69
C4' DUP E . -0.41 18.44 -5.10
C5' DUP E . -1.45 17.49 -4.54
O5' DUP E . -2.81 17.92 -4.81
PA DUP E . -4.08 16.95 -4.59
O1A DUP E . -5.20 17.38 -5.54
O2A DUP E . -3.74 15.46 -4.92
N3A DUP E . -4.63 17.11 -2.97
PB DUP E . -5.25 15.86 -2.05
O1B DUP E . -4.23 15.48 -0.98
O2B DUP E . -5.63 14.62 -2.93
O3B DUP E . -6.58 16.39 -1.25
PG DUP E . -7.90 16.80 -1.89
O2G DUP E . -7.95 18.31 -2.04
O1G DUP E . -8.06 16.14 -3.22
O3G DUP E . -8.99 16.38 -0.98
MG MG F . -6.10 -6.25 9.49
MG MG G . -5.24 12.71 -2.31
MG MG H . -2.42 1.60 3.45
MG MG I . 3.01 2.68 3.01
MG MG J . 0.79 -0.16 3.45
S SO4 K . 1.50 -12.06 -23.90
O1 SO4 K . 2.02 -10.98 -23.06
O2 SO4 K . 0.10 -12.34 -23.57
O3 SO4 K . 1.51 -11.66 -25.30
O4 SO4 K . 2.34 -13.25 -23.70
O4 DUP L . -5.56 1.61 10.27
C4 DUP L . -6.33 0.77 10.79
C5 DUP L . -6.03 -0.55 10.81
C6 DUP L . -6.88 -1.45 11.38
N3 DUP L . -7.46 1.18 11.35
C2 DUP L . -8.32 0.31 11.95
O2 DUP L . -9.35 0.72 12.45
N1 DUP L . -8.02 -1.03 11.96
C1' DUP L . -8.86 -1.87 12.48
C2' DUP L . -9.43 -2.83 11.42
C3' DUP L . -8.96 -4.04 11.67
O3' DUP L . -9.91 -5.09 11.32
O4' DUP L . -8.28 -2.82 13.58
C4' DUP L . -8.58 -4.03 13.26
C5' DUP L . -7.41 -4.93 13.60
O5' DUP L . -7.22 -4.85 15.03
PA DUP L . -6.03 -5.66 15.76
O1A DUP L . -5.09 -4.70 16.51
O2A DUP L . -6.65 -6.69 16.76
N3A DUP L . -5.17 -6.48 14.56
PB DUP L . -3.68 -7.12 14.95
O1B DUP L . -2.68 -5.98 15.29
O2B DUP L . -3.90 -8.05 16.15
O3B DUP L . -3.10 -7.95 13.66
PG DUP L . -3.45 -7.53 12.25
O2G DUP L . -3.37 -6.02 12.25
O1G DUP L . -2.53 -8.19 11.26
O3G DUP L . -4.84 -7.92 11.90
#